data_1WSU
#
_entry.id   1WSU
#
_cell.length_a   81.865
_cell.length_b   169.814
_cell.length_c   71.827
_cell.angle_alpha   90.00
_cell.angle_beta   90.00
_cell.angle_gamma   90.00
#
_symmetry.space_group_name_H-M   'P 21 21 2'
#
loop_
_entity.id
_entity.type
_entity.pdbx_description
1 polymer "5'-R(*GP*GP*CP*GP*UP*UP*GP*CP*CP*GP*GP*UP*CP*U*GP*GP*CP*AP*AP*CP*GP*CP*C)-3'"
2 polymer 'Selenocysteine-specific elongation factor'
3 water water
#
loop_
_entity_poly.entity_id
_entity_poly.type
_entity_poly.pdbx_seq_one_letter_code
_entity_poly.pdbx_strand_id
1 'polyribonucleotide' GGCGUUGCCGGUCUGGCAACGCC E,F,G
2 'polypeptide(L)'
;GSETQKKLLKDLEDKYRVSRWQPPSFKEVAGSFNLDPSELEELLHYLVREGVLVKINDEFYWHRQALGEAREVIKNLAST
GPFGLAEARDALGSSRKYVLPLLEYLDQVKFTRRVGDKRVVVGN
;
A,B,C,D
#
loop_
_chem_comp.id
_chem_comp.type
_chem_comp.name
_chem_comp.formula
A RNA linking ADENOSINE-5'-MONOPHOSPHATE 'C10 H14 N5 O7 P'
C RNA linking CYTIDINE-5'-MONOPHOSPHATE 'C9 H14 N3 O8 P'
G RNA linking GUANOSINE-5'-MONOPHOSPHATE 'C10 H14 N5 O8 P'
U RNA linking URIDINE-5'-MONOPHOSPHATE 'C9 H13 N2 O9 P'
#
# COMPACT_ATOMS: atom_id res chain seq x y z
N GLY D 1 -27.17 42.96 23.86
CA GLY D 1 -28.24 41.94 24.10
C GLY D 1 -29.59 42.51 23.74
N SER D 2 -30.05 42.22 22.53
CA SER D 2 -31.33 42.72 22.04
C SER D 2 -32.24 41.62 21.51
N GLU D 3 -32.19 41.43 20.20
CA GLU D 3 -33.00 40.42 19.51
C GLU D 3 -32.17 39.88 18.37
N THR D 4 -31.03 40.53 18.11
CA THR D 4 -30.14 40.07 17.07
C THR D 4 -29.18 39.13 17.79
N GLN D 5 -29.16 39.26 19.12
CA GLN D 5 -28.33 38.43 19.97
C GLN D 5 -29.09 37.11 20.05
N LYS D 6 -30.42 37.21 19.98
CA LYS D 6 -31.26 36.03 20.02
C LYS D 6 -31.11 35.24 18.73
N LYS D 7 -30.81 35.93 17.64
CA LYS D 7 -30.61 35.26 16.36
C LYS D 7 -29.24 34.60 16.38
N LEU D 8 -28.35 35.14 17.20
CA LEU D 8 -27.02 34.57 17.30
C LEU D 8 -27.11 33.20 17.97
N LEU D 9 -28.02 33.06 18.94
CA LEU D 9 -28.19 31.81 19.66
C LEU D 9 -28.74 30.76 18.71
N LYS D 10 -29.57 31.21 17.79
CA LYS D 10 -30.20 30.35 16.81
C LYS D 10 -29.17 29.92 15.76
N ASP D 11 -28.34 30.86 15.32
CA ASP D 11 -27.36 30.51 14.32
C ASP D 11 -26.28 29.62 14.92
N LEU D 12 -26.05 29.74 16.23
CA LEU D 12 -25.04 28.94 16.92
C LEU D 12 -25.58 27.53 17.03
N GLU D 13 -26.81 27.41 17.49
CA GLU D 13 -27.44 26.13 17.64
C GLU D 13 -27.42 25.40 16.29
N ASP D 14 -27.86 26.09 15.25
CA ASP D 14 -27.87 25.49 13.92
C ASP D 14 -26.50 25.05 13.46
N LYS D 15 -25.46 25.75 13.89
CA LYS D 15 -24.11 25.37 13.49
C LYS D 15 -23.89 23.96 14.02
N TYR D 16 -24.33 23.73 15.26
CA TYR D 16 -24.12 22.42 15.87
C TYR D 16 -25.13 21.39 15.38
N ARG D 17 -26.37 21.80 15.16
CA ARG D 17 -27.39 20.90 14.67
C ARG D 17 -26.98 20.36 13.28
N VAL D 18 -26.56 21.26 12.41
CA VAL D 18 -26.15 20.86 11.08
C VAL D 18 -24.88 20.02 11.12
N SER D 19 -23.84 20.51 11.76
CA SER D 19 -22.56 19.77 11.87
C SER D 19 -22.73 18.39 12.49
N ARG D 20 -23.74 18.26 13.36
CA ARG D 20 -24.11 17.00 13.99
C ARG D 20 -23.04 16.17 14.68
N TRP D 21 -22.60 15.08 14.03
CA TRP D 21 -21.59 14.19 14.61
C TRP D 21 -20.15 14.60 14.33
N GLN D 22 -19.98 15.70 13.61
CA GLN D 22 -18.64 16.26 13.38
C GLN D 22 -18.72 17.75 13.75
N PRO D 23 -19.18 18.04 14.99
CA PRO D 23 -19.32 19.41 15.50
C PRO D 23 -18.06 20.21 15.38
N PRO D 24 -18.19 21.54 15.19
CA PRO D 24 -17.06 22.48 15.06
C PRO D 24 -16.43 22.62 16.42
N SER D 25 -15.15 22.94 16.46
CA SER D 25 -14.49 23.09 17.77
C SER D 25 -14.73 24.51 18.27
N PHE D 26 -14.29 24.78 19.49
CA PHE D 26 -14.44 26.12 20.05
C PHE D 26 -13.80 27.12 19.06
N LYS D 27 -12.57 26.84 18.63
CA LYS D 27 -11.86 27.72 17.70
C LYS D 27 -12.63 28.01 16.42
N GLU D 28 -13.14 26.97 15.78
CA GLU D 28 -13.86 27.20 14.54
C GLU D 28 -15.10 28.03 14.78
N VAL D 29 -15.80 27.78 15.88
CA VAL D 29 -17.00 28.55 16.16
C VAL D 29 -16.62 30.01 16.36
N ALA D 30 -15.60 30.26 17.18
CA ALA D 30 -15.15 31.64 17.42
C ALA D 30 -14.85 32.34 16.09
N GLY D 31 -14.19 31.61 15.20
CA GLY D 31 -13.84 32.18 13.91
C GLY D 31 -15.03 32.44 13.02
N SER D 32 -15.99 31.52 13.00
CA SER D 32 -17.18 31.65 12.17
C SER D 32 -18.04 32.84 12.56
N PHE D 33 -18.22 33.03 13.85
CA PHE D 33 -19.05 34.12 14.30
C PHE D 33 -18.22 35.31 14.76
N ASN D 34 -16.90 35.19 14.65
CA ASN D 34 -16.04 36.28 15.06
C ASN D 34 -16.36 36.62 16.50
N LEU D 35 -16.01 35.72 17.41
CA LEU D 35 -16.29 35.94 18.82
C LEU D 35 -15.02 35.83 19.61
N ASP D 36 -14.98 36.55 20.73
CA ASP D 36 -13.84 36.52 21.63
C ASP D 36 -14.15 35.33 22.54
N PRO D 37 -13.11 34.60 22.97
CA PRO D 37 -13.32 33.43 23.83
C PRO D 37 -14.36 33.67 24.93
N SER D 38 -14.15 34.71 25.72
CA SER D 38 -15.05 35.03 26.82
C SER D 38 -16.51 35.11 26.38
N GLU D 39 -16.76 35.68 25.22
CA GLU D 39 -18.14 35.76 24.72
C GLU D 39 -18.65 34.36 24.36
N LEU D 40 -17.85 33.61 23.61
CA LEU D 40 -18.25 32.28 23.17
C LEU D 40 -18.47 31.33 24.33
N GLU D 41 -17.56 31.36 25.29
CA GLU D 41 -17.67 30.48 26.43
C GLU D 41 -19.00 30.72 27.14
N GLU D 42 -19.37 31.97 27.34
CA GLU D 42 -20.62 32.23 28.03
C GLU D 42 -21.84 31.87 27.15
N LEU D 43 -21.75 32.10 25.84
CA LEU D 43 -22.86 31.76 24.96
C LEU D 43 -23.11 30.24 24.99
N LEU D 44 -22.03 29.47 24.96
CA LEU D 44 -22.12 28.02 24.97
C LEU D 44 -22.69 27.54 26.30
N HIS D 45 -22.21 28.09 27.40
CA HIS D 45 -22.70 27.66 28.70
C HIS D 45 -24.17 27.97 28.81
N TYR D 46 -24.59 29.04 28.15
CA TYR D 46 -26.00 29.39 28.17
C TYR D 46 -26.78 28.32 27.38
N LEU D 47 -26.25 27.94 26.23
CA LEU D 47 -26.91 26.95 25.40
C LEU D 47 -26.98 25.60 26.15
N VAL D 48 -25.99 25.33 26.99
CA VAL D 48 -25.99 24.11 27.75
C VAL D 48 -27.10 24.16 28.80
N ARG D 49 -27.19 25.29 29.50
CA ARG D 49 -28.19 25.43 30.53
C ARG D 49 -29.57 25.32 29.93
N GLU D 50 -29.75 25.87 28.74
CA GLU D 50 -31.05 25.82 28.06
C GLU D 50 -31.31 24.44 27.48
N GLY D 51 -30.39 23.51 27.71
CA GLY D 51 -30.57 22.17 27.20
C GLY D 51 -30.35 22.02 25.70
N VAL D 52 -29.73 23.00 25.05
CA VAL D 52 -29.50 22.89 23.61
C VAL D 52 -28.21 22.17 23.26
N LEU D 53 -27.15 22.41 24.03
CA LEU D 53 -25.87 21.78 23.78
C LEU D 53 -25.47 20.96 24.98
N VAL D 54 -24.55 20.02 24.78
CA VAL D 54 -24.03 19.17 25.84
C VAL D 54 -22.52 19.16 25.62
N LYS D 55 -21.76 19.41 26.69
CA LYS D 55 -20.31 19.46 26.60
C LYS D 55 -19.67 18.07 26.59
N ILE D 56 -18.94 17.76 25.53
CA ILE D 56 -18.29 16.47 25.40
C ILE D 56 -16.88 16.57 25.98
N ASN D 57 -16.21 17.68 25.70
CA ASN D 57 -14.89 17.94 26.27
C ASN D 57 -14.59 19.40 25.97
N ASP D 58 -13.50 19.92 26.52
CA ASP D 58 -13.21 21.34 26.31
C ASP D 58 -13.21 21.81 24.88
N GLU D 59 -12.95 20.91 23.95
CA GLU D 59 -12.89 21.30 22.56
C GLU D 59 -14.26 21.21 21.87
N PHE D 60 -14.96 20.12 22.13
CA PHE D 60 -16.24 19.83 21.50
C PHE D 60 -17.52 19.84 22.31
N TYR D 61 -18.49 20.61 21.81
CA TYR D 61 -19.80 20.65 22.39
C TYR D 61 -20.59 19.92 21.31
N TRP D 62 -21.65 19.22 21.69
CA TRP D 62 -22.49 18.49 20.74
C TRP D 62 -23.94 18.99 20.91
N HIS D 63 -24.68 19.03 19.82
CA HIS D 63 -26.07 19.40 19.92
C HIS D 63 -26.68 18.22 20.67
N ARG D 64 -27.58 18.52 21.60
CA ARG D 64 -28.26 17.49 22.40
C ARG D 64 -28.94 16.42 21.52
N GLN D 65 -29.57 16.85 20.42
CA GLN D 65 -30.23 15.90 19.55
C GLN D 65 -29.19 15.03 18.86
N ALA D 66 -28.11 15.63 18.38
CA ALA D 66 -27.06 14.85 17.71
C ALA D 66 -26.57 13.73 18.64
N LEU D 67 -26.36 14.09 19.90
CA LEU D 67 -25.90 13.16 20.93
C LEU D 67 -26.89 12.04 21.15
N GLY D 68 -28.16 12.40 21.29
CA GLY D 68 -29.18 11.40 21.50
C GLY D 68 -29.23 10.41 20.35
N GLU D 69 -29.05 10.89 19.13
CA GLU D 69 -29.09 10.00 18.00
C GLU D 69 -27.87 9.13 17.98
N ALA D 70 -26.71 9.69 18.31
CA ALA D 70 -25.51 8.91 18.31
C ALA D 70 -25.65 7.80 19.35
N ARG D 71 -26.33 8.09 20.46
CA ARG D 71 -26.50 7.09 21.51
C ARG D 71 -27.36 5.93 21.01
N GLU D 72 -28.33 6.24 20.15
CA GLU D 72 -29.20 5.20 19.62
C GLU D 72 -28.39 4.33 18.65
N VAL D 73 -27.53 4.96 17.85
CA VAL D 73 -26.73 4.19 16.91
C VAL D 73 -25.83 3.26 17.71
N ILE D 74 -25.18 3.82 18.72
CA ILE D 74 -24.27 3.05 19.52
C ILE D 74 -24.96 1.93 20.26
N LYS D 75 -26.16 2.18 20.75
CA LYS D 75 -26.95 1.16 21.45
C LYS D 75 -27.16 -0.04 20.52
N ASN D 76 -27.56 0.22 19.27
CA ASN D 76 -27.77 -0.85 18.31
C ASN D 76 -26.48 -1.58 17.93
N LEU D 77 -25.36 -0.88 17.86
CA LEU D 77 -24.09 -1.51 17.54
C LEU D 77 -23.69 -2.44 18.68
N ALA D 78 -23.98 -2.00 19.91
CA ALA D 78 -23.64 -2.76 21.13
C ALA D 78 -24.52 -3.98 21.35
N SER D 79 -25.57 -4.14 20.56
CA SER D 79 -26.46 -5.27 20.71
C SER D 79 -25.79 -6.61 20.46
N THR D 80 -24.89 -6.66 19.50
CA THR D 80 -24.23 -7.92 19.17
C THR D 80 -22.96 -8.20 19.95
N GLY D 81 -22.65 -7.38 20.95
CA GLY D 81 -21.45 -7.62 21.74
C GLY D 81 -20.60 -6.37 21.93
N PRO D 82 -19.50 -6.44 22.68
CA PRO D 82 -18.65 -5.25 22.88
C PRO D 82 -18.18 -4.72 21.54
N PHE D 83 -17.78 -3.45 21.50
CA PHE D 83 -17.35 -2.86 20.22
C PHE D 83 -16.14 -1.98 20.39
N GLY D 84 -15.30 -1.92 19.36
CA GLY D 84 -14.12 -1.08 19.40
C GLY D 84 -14.36 0.31 18.79
N LEU D 85 -13.42 1.22 18.99
CA LEU D 85 -13.52 2.57 18.47
C LEU D 85 -13.77 2.59 16.97
N ALA D 86 -13.05 1.75 16.24
CA ALA D 86 -13.18 1.66 14.79
C ALA D 86 -14.59 1.28 14.34
N GLU D 87 -15.24 0.41 15.08
CA GLU D 87 -16.57 0.00 14.69
C GLU D 87 -17.58 1.11 15.01
N ALA D 88 -17.31 1.86 16.06
CA ALA D 88 -18.19 2.95 16.43
C ALA D 88 -18.10 4.00 15.35
N ARG D 89 -16.89 4.19 14.84
CA ARG D 89 -16.62 5.16 13.79
C ARG D 89 -17.35 4.74 12.51
N ASP D 90 -17.17 3.49 12.10
CA ASP D 90 -17.86 2.99 10.91
C ASP D 90 -19.38 3.15 11.08
N ALA D 91 -19.89 2.74 12.24
CA ALA D 91 -21.31 2.84 12.50
C ALA D 91 -21.85 4.26 12.40
N LEU D 92 -21.03 5.25 12.79
CA LEU D 92 -21.48 6.63 12.76
C LEU D 92 -21.09 7.36 11.48
N GLY D 93 -20.23 6.74 10.68
CA GLY D 93 -19.79 7.37 9.44
C GLY D 93 -18.97 8.61 9.76
N SER D 94 -18.38 8.62 10.94
CA SER D 94 -17.58 9.76 11.40
C SER D 94 -16.08 9.49 11.28
N SER D 95 -15.29 10.05 12.18
CA SER D 95 -13.86 9.81 12.14
C SER D 95 -13.35 9.74 13.59
N ARG D 96 -12.17 9.12 13.80
CA ARG D 96 -11.64 8.96 15.15
C ARG D 96 -11.56 10.25 15.95
N LYS D 97 -11.14 11.31 15.29
CA LYS D 97 -11.03 12.61 15.94
C LYS D 97 -12.37 13.01 16.61
N TYR D 98 -13.49 12.65 15.99
CA TYR D 98 -14.80 13.03 16.53
C TYR D 98 -15.46 11.96 17.39
N VAL D 99 -15.17 10.71 17.08
CA VAL D 99 -15.74 9.59 17.80
C VAL D 99 -15.07 9.30 19.15
N LEU D 100 -13.74 9.32 19.22
CA LEU D 100 -13.12 9.01 20.51
C LEU D 100 -13.66 9.92 21.65
N PRO D 101 -13.72 11.25 21.41
CA PRO D 101 -14.22 12.16 22.45
C PRO D 101 -15.67 11.87 22.87
N LEU D 102 -16.46 11.32 21.97
CA LEU D 102 -17.85 11.00 22.28
C LEU D 102 -17.85 9.77 23.19
N LEU D 103 -17.05 8.77 22.84
CA LEU D 103 -17.04 7.55 23.66
C LEU D 103 -16.45 7.80 25.05
N GLU D 104 -15.47 8.68 25.15
CA GLU D 104 -14.88 8.97 26.46
C GLU D 104 -15.94 9.66 27.30
N TYR D 105 -16.75 10.49 26.64
CA TYR D 105 -17.81 11.20 27.33
C TYR D 105 -18.87 10.20 27.77
N LEU D 106 -19.18 9.24 26.91
CA LEU D 106 -20.21 8.27 27.25
C LEU D 106 -19.73 7.35 28.40
N ASP D 107 -18.44 7.06 28.46
CA ASP D 107 -17.93 6.23 29.58
C ASP D 107 -18.12 7.04 30.86
N GLN D 108 -17.81 8.34 30.78
CA GLN D 108 -17.89 9.23 31.92
C GLN D 108 -19.30 9.35 32.50
N VAL D 109 -20.33 9.38 31.66
CA VAL D 109 -21.68 9.49 32.18
C VAL D 109 -22.26 8.09 32.40
N LYS D 110 -21.41 7.09 32.24
CA LYS D 110 -21.79 5.70 32.46
C LYS D 110 -22.85 5.12 31.56
N PHE D 111 -22.83 5.50 30.29
CA PHE D 111 -23.78 4.97 29.34
C PHE D 111 -23.10 3.71 28.82
N THR D 112 -21.78 3.81 28.66
CA THR D 112 -20.97 2.69 28.20
C THR D 112 -19.82 2.49 29.17
N ARG D 113 -19.16 1.35 29.07
CA ARG D 113 -18.02 1.09 29.93
C ARG D 113 -16.90 0.52 29.10
N ARG D 114 -15.72 1.08 29.22
CA ARG D 114 -14.63 0.50 28.45
C ARG D 114 -13.89 -0.56 29.26
N VAL D 115 -13.76 -1.75 28.69
CA VAL D 115 -13.05 -2.89 29.27
C VAL D 115 -11.96 -3.25 28.23
N GLY D 116 -10.70 -3.07 28.56
CA GLY D 116 -9.68 -3.36 27.57
C GLY D 116 -9.77 -2.28 26.49
N ASP D 117 -9.92 -2.70 25.24
CA ASP D 117 -10.02 -1.77 24.13
C ASP D 117 -11.38 -1.88 23.45
N LYS D 118 -12.38 -2.24 24.23
CA LYS D 118 -13.72 -2.39 23.70
C LYS D 118 -14.63 -1.72 24.70
N ARG D 119 -15.89 -1.57 24.32
CA ARG D 119 -16.84 -0.96 25.21
C ARG D 119 -18.08 -1.79 25.14
N VAL D 120 -18.90 -1.66 26.16
CA VAL D 120 -20.11 -2.39 26.28
C VAL D 120 -21.14 -1.36 26.74
N VAL D 121 -22.37 -1.45 26.27
CA VAL D 121 -23.37 -0.48 26.71
C VAL D 121 -24.05 -1.02 27.96
N VAL D 122 -24.08 -0.21 29.01
CA VAL D 122 -24.70 -0.61 30.26
C VAL D 122 -26.02 0.15 30.43
N GLY D 123 -26.11 1.34 29.83
CA GLY D 123 -27.31 2.16 29.97
C GLY D 123 -28.34 2.18 28.84
N ASN D 124 -29.34 3.04 29.00
CA ASN D 124 -30.43 3.18 28.04
C ASN D 124 -30.64 4.65 27.63
N GLY E 1 -34.41 -16.00 11.43
CA GLY E 1 -35.05 -16.00 12.78
C GLY E 1 -35.86 -14.75 13.06
N SER E 2 -36.56 -14.74 14.20
CA SER E 2 -37.37 -13.59 14.60
C SER E 2 -36.45 -12.48 15.08
N GLU E 3 -35.48 -12.84 15.92
CA GLU E 3 -34.54 -11.85 16.42
C GLU E 3 -33.67 -11.37 15.26
N THR E 4 -33.51 -12.21 14.24
CA THR E 4 -32.72 -11.85 13.08
C THR E 4 -33.45 -10.77 12.28
N GLN E 5 -34.78 -10.88 12.22
CA GLN E 5 -35.59 -9.92 11.50
C GLN E 5 -35.59 -8.63 12.30
N LYS E 6 -35.65 -8.76 13.62
CA LYS E 6 -35.64 -7.59 14.50
C LYS E 6 -34.38 -6.78 14.30
N LYS E 7 -33.25 -7.47 14.13
CA LYS E 7 -31.98 -6.79 13.90
C LYS E 7 -32.03 -6.07 12.56
N LEU E 8 -32.55 -6.75 11.55
CA LEU E 8 -32.65 -6.17 10.21
C LEU E 8 -33.42 -4.86 10.24
N LEU E 9 -34.44 -4.76 11.09
CA LEU E 9 -35.21 -3.54 11.20
C LEU E 9 -34.36 -2.46 11.88
N LYS E 10 -33.49 -2.86 12.80
CA LYS E 10 -32.66 -1.90 13.48
C LYS E 10 -31.61 -1.39 12.50
N ASP E 11 -31.20 -2.26 11.57
CA ASP E 11 -30.18 -1.85 10.61
C ASP E 11 -30.78 -0.98 9.50
N LEU E 12 -32.07 -1.15 9.22
CA LEU E 12 -32.69 -0.31 8.19
C LEU E 12 -32.80 1.08 8.80
N GLU E 13 -33.33 1.14 10.02
CA GLU E 13 -33.50 2.41 10.72
C GLU E 13 -32.17 3.16 10.78
N ASP E 14 -31.14 2.47 11.24
CA ASP E 14 -29.81 3.06 11.36
C ASP E 14 -29.34 3.63 10.06
N LYS E 15 -29.63 2.94 8.97
CA LYS E 15 -29.21 3.40 7.66
C LYS E 15 -29.86 4.76 7.40
N TYR E 16 -31.10 4.93 7.82
CA TYR E 16 -31.76 6.21 7.58
C TYR E 16 -31.33 7.27 8.60
N ARG E 17 -30.99 6.84 9.81
CA ARG E 17 -30.58 7.76 10.86
C ARG E 17 -29.23 8.33 10.52
N VAL E 18 -28.31 7.46 10.14
CA VAL E 18 -26.97 7.89 9.79
C VAL E 18 -26.99 8.80 8.57
N SER E 19 -27.66 8.38 7.50
CA SER E 19 -27.73 9.17 6.27
C SER E 19 -28.47 10.50 6.41
N ARG E 20 -29.35 10.60 7.41
CA ARG E 20 -30.08 11.82 7.70
C ARG E 20 -30.72 12.59 6.57
N TRP E 21 -30.04 13.64 6.11
CA TRP E 21 -30.56 14.55 5.10
C TRP E 21 -30.20 14.20 3.67
N GLN E 22 -29.50 13.08 3.53
CA GLN E 22 -29.13 12.57 2.22
C GLN E 22 -29.43 11.06 2.33
N PRO E 23 -30.70 10.73 2.58
CA PRO E 23 -31.16 9.35 2.74
C PRO E 23 -30.92 8.56 1.47
N PRO E 24 -30.68 7.25 1.58
CA PRO E 24 -30.45 6.43 0.38
C PRO E 24 -31.80 6.29 -0.33
N SER E 25 -31.77 5.99 -1.62
CA SER E 25 -33.03 5.81 -2.33
C SER E 25 -33.52 4.38 -2.10
N PHE E 26 -34.74 4.09 -2.55
CA PHE E 26 -35.29 2.76 -2.40
C PHE E 26 -34.32 1.76 -3.00
N LYS E 27 -33.95 2.00 -4.25
CA LYS E 27 -33.03 1.14 -4.99
C LYS E 27 -31.73 0.88 -4.26
N GLU E 28 -31.13 1.93 -3.69
CA GLU E 28 -29.87 1.78 -2.97
C GLU E 28 -30.02 0.89 -1.76
N VAL E 29 -31.12 1.05 -1.03
CA VAL E 29 -31.33 0.25 0.16
C VAL E 29 -31.48 -1.23 -0.19
N ALA E 30 -32.21 -1.51 -1.27
CA ALA E 30 -32.42 -2.89 -1.71
C ALA E 30 -31.08 -3.55 -2.01
N GLY E 31 -30.24 -2.87 -2.76
CA GLY E 31 -28.93 -3.41 -3.09
C GLY E 31 -28.07 -3.67 -1.87
N SER E 32 -28.03 -2.71 -0.95
CA SER E 32 -27.22 -2.84 0.27
C SER E 32 -27.62 -3.99 1.16
N PHE E 33 -28.92 -4.14 1.41
CA PHE E 33 -29.33 -5.22 2.28
C PHE E 33 -29.69 -6.46 1.49
N ASN E 34 -29.48 -6.42 0.18
CA ASN E 34 -29.80 -7.55 -0.69
C ASN E 34 -31.23 -7.99 -0.46
N LEU E 35 -32.15 -7.06 -0.67
CA LEU E 35 -33.56 -7.33 -0.50
C LEU E 35 -34.29 -7.16 -1.82
N ASP E 36 -35.40 -7.86 -1.96
CA ASP E 36 -36.20 -7.79 -3.15
C ASP E 36 -37.21 -6.69 -2.89
N PRO E 37 -37.62 -5.96 -3.94
CA PRO E 37 -38.59 -4.88 -3.79
C PRO E 37 -39.75 -5.26 -2.88
N SER E 38 -40.35 -6.41 -3.16
CA SER E 38 -41.48 -6.89 -2.37
C SER E 38 -41.20 -6.85 -0.88
N GLU E 39 -40.02 -7.32 -0.49
CA GLU E 39 -39.64 -7.35 0.91
C GLU E 39 -39.35 -5.93 1.44
N LEU E 40 -38.55 -5.17 0.71
CA LEU E 40 -38.22 -3.82 1.16
C LEU E 40 -39.45 -2.96 1.33
N GLU E 41 -40.36 -3.03 0.35
CA GLU E 41 -41.57 -2.22 0.41
C GLU E 41 -42.35 -2.49 1.68
N GLU E 42 -42.47 -3.75 2.06
CA GLU E 42 -43.23 -4.08 3.26
C GLU E 42 -42.46 -3.70 4.54
N LEU E 43 -41.14 -3.83 4.50
CA LEU E 43 -40.32 -3.48 5.66
C LEU E 43 -40.46 -1.97 5.95
N LEU E 44 -40.36 -1.16 4.90
CA LEU E 44 -40.46 0.27 5.04
C LEU E 44 -41.82 0.64 5.61
N HIS E 45 -42.88 0.10 5.01
CA HIS E 45 -44.24 0.39 5.48
C HIS E 45 -44.33 0.04 6.96
N TYR E 46 -43.65 -1.02 7.35
CA TYR E 46 -43.69 -1.41 8.74
C TYR E 46 -43.09 -0.25 9.53
N LEU E 47 -41.93 0.21 9.08
CA LEU E 47 -41.24 1.32 9.72
C LEU E 47 -42.09 2.59 9.74
N VAL E 48 -42.70 2.96 8.63
CA VAL E 48 -43.55 4.13 8.62
C VAL E 48 -44.64 3.93 9.67
N ARG E 49 -45.27 2.77 9.62
CA ARG E 49 -46.34 2.43 10.54
C ARG E 49 -45.87 2.51 11.98
N GLU E 50 -44.60 2.21 12.21
CA GLU E 50 -44.02 2.24 13.56
C GLU E 50 -43.55 3.64 13.95
N GLY E 51 -43.82 4.61 13.10
CA GLY E 51 -43.40 5.97 13.41
C GLY E 51 -41.90 6.22 13.27
N VAL E 52 -41.16 5.23 12.77
CA VAL E 52 -39.72 5.38 12.62
C VAL E 52 -39.32 6.15 11.34
N LEU E 53 -39.95 5.83 10.21
CA LEU E 53 -39.64 6.52 8.96
C LEU E 53 -40.84 7.31 8.44
N VAL E 54 -40.60 8.24 7.51
CA VAL E 54 -41.67 9.04 6.90
C VAL E 54 -41.37 9.11 5.41
N LYS E 55 -42.40 8.84 4.60
CA LYS E 55 -42.23 8.84 3.15
C LYS E 55 -42.20 10.27 2.64
N ILE E 56 -41.13 10.63 1.93
CA ILE E 56 -41.03 11.98 1.42
C ILE E 56 -41.55 11.98 -0.01
N ASN E 57 -41.17 10.95 -0.77
CA ASN E 57 -41.68 10.78 -2.12
C ASN E 57 -41.48 9.30 -2.42
N ASP E 58 -41.54 8.88 -3.68
CA ASP E 58 -41.42 7.45 -3.96
C ASP E 58 -40.03 6.85 -3.86
N GLU E 59 -39.00 7.68 -4.01
CA GLU E 59 -37.65 7.17 -3.94
C GLU E 59 -37.09 7.35 -2.54
N PHE E 60 -37.50 8.42 -1.88
CA PHE E 60 -36.97 8.77 -0.58
C PHE E 60 -37.81 8.71 0.68
N TYR E 61 -37.29 7.99 1.67
CA TYR E 61 -37.92 7.93 2.98
C TYR E 61 -36.93 8.68 3.85
N TRP E 62 -37.40 9.31 4.91
CA TRP E 62 -36.53 10.03 5.83
C TRP E 62 -36.72 9.45 7.23
N HIS E 63 -35.66 9.47 8.01
CA HIS E 63 -35.78 9.02 9.39
C HIS E 63 -36.67 10.10 10.02
N ARG E 64 -37.58 9.72 10.90
CA ARG E 64 -38.46 10.70 11.54
C ARG E 64 -37.69 11.79 12.31
N GLN E 65 -36.60 11.43 12.94
CA GLN E 65 -35.84 12.41 13.69
C GLN E 65 -35.08 13.35 12.78
N ALA E 66 -34.62 12.85 11.64
CA ALA E 66 -33.88 13.67 10.70
C ALA E 66 -34.81 14.69 10.04
N LEU E 67 -36.08 14.31 9.92
CA LEU E 67 -37.08 15.18 9.33
C LEU E 67 -37.39 16.30 10.32
N GLY E 68 -37.54 15.93 11.58
CA GLY E 68 -37.82 16.93 12.59
C GLY E 68 -36.72 17.96 12.68
N GLU E 69 -35.48 17.52 12.59
CA GLU E 69 -34.37 18.45 12.68
C GLU E 69 -34.28 19.32 11.46
N ALA E 70 -34.57 18.77 10.28
CA ALA E 70 -34.48 19.58 9.08
C ALA E 70 -35.52 20.69 9.18
N ARG E 71 -36.66 20.36 9.78
CA ARG E 71 -37.74 21.32 9.94
C ARG E 71 -37.30 22.46 10.83
N GLU E 72 -36.56 22.12 11.87
CA GLU E 72 -36.07 23.10 12.82
C GLU E 72 -35.13 24.05 12.09
N VAL E 73 -34.29 23.49 11.23
CA VAL E 73 -33.35 24.30 10.48
C VAL E 73 -34.11 25.20 9.52
N ILE E 74 -35.16 24.67 8.90
CA ILE E 74 -35.92 25.48 7.96
C ILE E 74 -36.68 26.58 8.69
N LYS E 75 -37.21 26.26 9.87
CA LYS E 75 -37.92 27.25 10.65
C LYS E 75 -37.02 28.47 10.92
N ASN E 76 -35.82 28.25 11.47
CA ASN E 76 -34.91 29.36 11.75
C ASN E 76 -34.49 30.11 10.49
N LEU E 77 -34.41 29.41 9.37
CA LEU E 77 -34.02 30.05 8.11
C LEU E 77 -35.13 30.98 7.59
N ALA E 78 -36.37 30.59 7.79
CA ALA E 78 -37.49 31.39 7.28
C ALA E 78 -37.91 32.47 8.26
N SER E 79 -37.33 32.46 9.45
CA SER E 79 -37.69 33.43 10.45
C SER E 79 -37.43 34.85 9.96
N THR E 80 -36.49 35.01 9.04
CA THR E 80 -36.16 36.34 8.51
C THR E 80 -36.63 36.58 7.07
N GLY E 81 -37.75 35.99 6.69
CA GLY E 81 -38.24 36.17 5.33
C GLY E 81 -38.35 34.91 4.48
N PRO E 82 -39.10 34.99 3.36
CA PRO E 82 -39.28 33.85 2.46
C PRO E 82 -37.92 33.32 2.07
N PHE E 83 -37.83 32.05 1.68
CA PHE E 83 -36.53 31.53 1.30
C PHE E 83 -36.60 30.74 0.03
N GLY E 84 -35.51 30.78 -0.75
CA GLY E 84 -35.49 30.00 -1.99
C GLY E 84 -34.99 28.58 -1.70
N LEU E 85 -35.02 27.72 -2.71
CA LEU E 85 -34.57 26.35 -2.56
C LEU E 85 -33.07 26.30 -2.28
N ALA E 86 -32.31 27.15 -2.96
CA ALA E 86 -30.86 27.20 -2.79
C ALA E 86 -30.50 27.59 -1.37
N GLU E 87 -31.23 28.56 -0.82
CA GLU E 87 -30.95 28.98 0.55
C GLU E 87 -31.20 27.82 1.50
N ALA E 88 -32.23 27.01 1.20
CA ALA E 88 -32.58 25.86 2.02
C ALA E 88 -31.45 24.84 1.95
N ARG E 89 -30.91 24.65 0.74
CA ARG E 89 -29.82 23.71 0.50
C ARG E 89 -28.61 24.16 1.33
N ASP E 90 -28.27 25.44 1.27
CA ASP E 90 -27.14 25.96 2.06
C ASP E 90 -27.34 25.75 3.56
N ALA E 91 -28.49 26.16 4.09
CA ALA E 91 -28.78 26.02 5.52
C ALA E 91 -28.67 24.58 6.02
N LEU E 92 -28.97 23.62 5.15
CA LEU E 92 -28.95 22.21 5.51
C LEU E 92 -27.66 21.54 5.09
N GLY E 93 -26.84 22.25 4.34
CA GLY E 93 -25.59 21.68 3.87
C GLY E 93 -25.84 20.45 3.01
N SER E 94 -26.91 20.46 2.23
CA SER E 94 -27.25 19.32 1.40
C SER E 94 -27.10 19.63 -0.09
N SER E 95 -27.92 19.00 -0.92
CA SER E 95 -27.88 19.29 -2.36
C SER E 95 -29.32 19.37 -2.87
N ARG E 96 -29.51 20.00 -4.02
CA ARG E 96 -30.85 20.18 -4.59
C ARG E 96 -31.61 18.86 -4.71
N LYS E 97 -30.88 17.81 -5.02
CA LYS E 97 -31.49 16.51 -5.18
C LYS E 97 -32.23 16.05 -3.93
N TYR E 98 -31.69 16.35 -2.76
CA TYR E 98 -32.34 15.90 -1.54
C TYR E 98 -33.25 16.93 -0.93
N VAL E 99 -32.93 18.19 -1.14
CA VAL E 99 -33.72 19.26 -0.59
C VAL E 99 -35.06 19.50 -1.28
N LEU E 100 -35.08 19.54 -2.61
CA LEU E 100 -36.36 19.79 -3.29
C LEU E 100 -37.44 18.78 -2.88
N PRO E 101 -37.10 17.49 -2.78
CA PRO E 101 -38.16 16.55 -2.37
C PRO E 101 -38.65 16.86 -0.96
N LEU E 102 -37.74 17.27 -0.09
CA LEU E 102 -38.14 17.60 1.27
C LEU E 102 -39.12 18.78 1.25
N LEU E 103 -38.78 19.84 0.54
CA LEU E 103 -39.65 21.02 0.51
C LEU E 103 -41.02 20.73 -0.13
N GLU E 104 -41.06 19.89 -1.16
CA GLU E 104 -42.35 19.54 -1.77
C GLU E 104 -43.14 18.75 -0.75
N TYR E 105 -42.45 17.94 0.04
CA TYR E 105 -43.14 17.18 1.05
C TYR E 105 -43.68 18.13 2.12
N LEU E 106 -42.87 19.12 2.50
CA LEU E 106 -43.29 20.04 3.55
C LEU E 106 -44.45 20.92 3.09
N ASP E 107 -44.49 21.23 1.79
CA ASP E 107 -45.60 22.03 1.27
C ASP E 107 -46.84 21.13 1.41
N GLN E 108 -46.68 19.87 1.04
CA GLN E 108 -47.78 18.90 1.10
C GLN E 108 -48.47 18.80 2.48
N VAL E 109 -47.70 18.58 3.54
CA VAL E 109 -48.33 18.49 4.86
C VAL E 109 -48.54 19.88 5.42
N LYS E 110 -48.34 20.88 4.56
CA LYS E 110 -48.55 22.28 4.90
C LYS E 110 -47.71 22.86 6.02
N PHE E 111 -46.45 22.47 6.08
CA PHE E 111 -45.54 23.00 7.09
C PHE E 111 -45.08 24.33 6.50
N THR E 112 -44.79 24.31 5.20
CA THR E 112 -44.37 25.51 4.45
C THR E 112 -45.35 25.70 3.29
N ARG E 113 -45.28 26.85 2.63
CA ARG E 113 -46.14 27.13 1.49
C ARG E 113 -45.31 27.82 0.44
N ARG E 114 -45.36 27.34 -0.79
CA ARG E 114 -44.59 27.98 -1.84
C ARG E 114 -45.44 29.07 -2.52
N VAL E 115 -44.84 30.25 -2.70
CA VAL E 115 -45.47 31.40 -3.33
C VAL E 115 -44.42 31.91 -4.30
N GLY E 116 -44.59 31.64 -5.59
CA GLY E 116 -43.59 32.09 -6.53
C GLY E 116 -42.42 31.12 -6.47
N ASP E 117 -41.21 31.62 -6.31
CA ASP E 117 -40.06 30.74 -6.23
C ASP E 117 -39.45 30.84 -4.86
N LYS E 118 -40.31 30.99 -3.87
CA LYS E 118 -39.87 31.11 -2.50
C LYS E 118 -40.89 30.46 -1.58
N ARG E 119 -40.52 30.27 -0.32
CA ARG E 119 -41.41 29.63 0.64
C ARG E 119 -41.43 30.33 1.98
N VAL E 120 -42.46 30.04 2.77
CA VAL E 120 -42.61 30.61 4.09
C VAL E 120 -43.14 29.49 4.97
N VAL E 121 -42.79 29.52 6.26
CA VAL E 121 -43.27 28.50 7.17
C VAL E 121 -44.61 29.05 7.63
N VAL E 122 -45.66 28.24 7.56
CA VAL E 122 -46.98 28.72 7.97
C VAL E 122 -47.06 28.94 9.47
N LYS F 7 44.46 -1.87 -0.75
CA LYS F 7 43.71 -2.93 -0.03
C LYS F 7 42.21 -2.73 -0.15
N LEU F 8 41.73 -1.55 0.26
CA LEU F 8 40.32 -1.24 0.20
C LEU F 8 39.81 -1.19 -1.24
N LEU F 9 40.72 -0.92 -2.18
CA LEU F 9 40.34 -0.88 -3.58
C LEU F 9 40.27 -2.28 -4.17
N LYS F 10 41.02 -3.20 -3.59
CA LYS F 10 41.04 -4.58 -4.05
C LYS F 10 39.79 -5.28 -3.54
N ASP F 11 39.46 -5.04 -2.27
CA ASP F 11 38.28 -5.64 -1.67
C ASP F 11 37.01 -5.11 -2.35
N LEU F 12 37.00 -3.81 -2.65
CA LEU F 12 35.86 -3.22 -3.32
C LEU F 12 35.61 -3.93 -4.64
N GLU F 13 36.70 -4.16 -5.37
CA GLU F 13 36.65 -4.82 -6.67
C GLU F 13 36.12 -6.25 -6.58
N ASP F 14 36.67 -7.03 -5.64
CA ASP F 14 36.23 -8.40 -5.45
C ASP F 14 34.75 -8.48 -5.09
N LYS F 15 34.33 -7.63 -4.17
CA LYS F 15 32.93 -7.58 -3.74
C LYS F 15 32.02 -7.49 -4.97
N TYR F 16 32.39 -6.65 -5.93
CA TYR F 16 31.58 -6.52 -7.13
C TYR F 16 31.79 -7.69 -8.09
N ARG F 17 33.04 -8.13 -8.20
CA ARG F 17 33.40 -9.25 -9.07
C ARG F 17 32.72 -10.54 -8.64
N VAL F 18 32.76 -10.82 -7.34
CA VAL F 18 32.15 -12.03 -6.79
C VAL F 18 30.62 -11.97 -6.98
N SER F 19 30.04 -10.81 -6.73
CA SER F 19 28.60 -10.61 -6.87
C SER F 19 28.11 -10.73 -8.32
N ARG F 20 28.95 -10.31 -9.27
CA ARG F 20 28.62 -10.39 -10.69
C ARG F 20 27.39 -9.65 -11.19
N TRP F 21 26.45 -10.42 -11.75
CA TRP F 21 25.21 -9.87 -12.31
C TRP F 21 24.17 -9.47 -11.28
N GLN F 22 24.56 -9.52 -10.02
CA GLN F 22 23.70 -9.15 -8.90
C GLN F 22 24.57 -8.39 -7.90
N PRO F 23 25.06 -7.21 -8.29
CA PRO F 23 25.92 -6.35 -7.47
C PRO F 23 25.23 -5.65 -6.30
N PRO F 24 26.00 -5.34 -5.25
CA PRO F 24 25.47 -4.67 -4.06
C PRO F 24 25.22 -3.19 -4.33
N SER F 25 24.26 -2.62 -3.62
CA SER F 25 23.91 -1.21 -3.77
C SER F 25 24.96 -0.34 -3.06
N PHE F 26 24.86 0.96 -3.26
CA PHE F 26 25.80 1.88 -2.62
C PHE F 26 25.72 1.72 -1.11
N LYS F 27 24.50 1.60 -0.60
CA LYS F 27 24.28 1.45 0.83
C LYS F 27 24.83 0.12 1.34
N GLU F 28 24.53 -0.97 0.66
CA GLU F 28 25.02 -2.28 1.08
C GLU F 28 26.54 -2.24 1.27
N VAL F 29 27.24 -1.65 0.29
CA VAL F 29 28.69 -1.54 0.36
C VAL F 29 29.12 -0.48 1.37
N ALA F 30 28.31 0.56 1.51
CA ALA F 30 28.60 1.64 2.44
C ALA F 30 28.54 1.16 3.89
N GLU F 41 31.86 6.85 -3.16
CA GLU F 41 31.96 7.80 -4.27
C GLU F 41 33.44 8.13 -4.52
N GLU F 42 34.16 8.37 -3.43
CA GLU F 42 35.59 8.71 -3.48
C GLU F 42 36.37 7.59 -4.16
N LEU F 43 36.12 6.36 -3.73
CA LEU F 43 36.80 5.20 -4.28
C LEU F 43 36.20 4.70 -5.58
N LEU F 44 34.89 4.47 -5.58
CA LEU F 44 34.17 3.99 -6.76
C LEU F 44 34.51 4.78 -8.02
N HIS F 45 34.40 6.10 -7.95
CA HIS F 45 34.68 6.95 -9.09
C HIS F 45 36.07 6.64 -9.64
N TYR F 46 37.00 6.32 -8.75
CA TYR F 46 38.36 5.98 -9.14
C TYR F 46 38.40 4.71 -9.99
N LEU F 47 37.76 3.66 -9.49
CA LEU F 47 37.71 2.38 -10.20
C LEU F 47 36.99 2.51 -11.54
N VAL F 48 35.99 3.38 -11.59
CA VAL F 48 35.23 3.62 -12.81
C VAL F 48 36.18 4.18 -13.85
N ARG F 49 37.00 5.13 -13.41
CA ARG F 49 37.99 5.81 -14.24
C ARG F 49 39.16 4.88 -14.61
N GLU F 50 39.26 3.74 -13.92
CA GLU F 50 40.33 2.79 -14.17
C GLU F 50 39.88 1.61 -15.03
N GLY F 51 38.59 1.57 -15.37
CA GLY F 51 38.06 0.50 -16.18
C GLY F 51 37.66 -0.73 -15.38
N VAL F 52 37.78 -0.64 -14.06
CA VAL F 52 37.42 -1.75 -13.17
C VAL F 52 35.90 -1.87 -13.05
N LEU F 53 35.26 -0.74 -12.78
CA LEU F 53 33.81 -0.69 -12.64
C LEU F 53 33.13 0.24 -13.66
N VAL F 54 31.81 0.15 -13.72
CA VAL F 54 30.99 0.96 -14.61
C VAL F 54 29.65 1.23 -13.93
N LYS F 55 29.23 2.49 -13.89
CA LYS F 55 27.97 2.87 -13.25
C LYS F 55 26.76 2.52 -14.10
N ILE F 56 25.83 1.77 -13.52
CA ILE F 56 24.61 1.39 -14.23
C ILE F 56 23.51 2.39 -13.84
N ASN F 57 23.51 2.79 -12.58
CA ASN F 57 22.55 3.77 -12.06
C ASN F 57 23.07 4.30 -10.73
N ASP F 58 22.28 5.17 -10.09
CA ASP F 58 22.69 5.75 -8.81
C ASP F 58 22.76 4.72 -7.70
N GLU F 59 22.03 3.62 -7.86
CA GLU F 59 21.93 2.55 -6.87
C GLU F 59 23.24 1.80 -6.74
N PHE F 60 23.54 0.91 -7.69
CA PHE F 60 24.74 0.08 -7.63
C PHE F 60 25.54 0.05 -8.92
N TYR F 61 26.81 -0.31 -8.79
CA TYR F 61 27.71 -0.41 -9.94
C TYR F 61 27.97 -1.87 -10.28
N TRP F 62 28.50 -2.09 -11.48
CA TRP F 62 28.81 -3.44 -11.96
C TRP F 62 30.30 -3.56 -12.30
N HIS F 63 30.85 -4.76 -12.14
CA HIS F 63 32.25 -4.99 -12.49
C HIS F 63 32.20 -4.96 -14.01
N ARG F 64 33.22 -4.41 -14.67
CA ARG F 64 33.18 -4.35 -16.13
C ARG F 64 33.23 -5.72 -16.79
N GLN F 65 33.97 -6.64 -16.18
CA GLN F 65 34.06 -7.99 -16.73
C GLN F 65 32.70 -8.66 -16.61
N ALA F 66 32.06 -8.52 -15.45
CA ALA F 66 30.73 -9.08 -15.21
C ALA F 66 29.76 -8.46 -16.21
N LEU F 67 29.88 -7.15 -16.42
CA LEU F 67 29.02 -6.44 -17.37
C LEU F 67 29.34 -6.99 -18.76
N GLY F 68 30.59 -7.36 -18.96
CA GLY F 68 31.01 -7.91 -20.24
C GLY F 68 30.27 -9.16 -20.67
N GLU F 69 30.51 -10.29 -20.01
CA GLU F 69 29.82 -11.51 -20.45
C GLU F 69 28.33 -11.44 -20.18
N ALA F 70 27.89 -10.44 -19.43
CA ALA F 70 26.47 -10.27 -19.14
C ALA F 70 25.87 -9.70 -20.43
N ARG F 71 26.64 -8.87 -21.11
CA ARG F 71 26.23 -8.26 -22.37
C ARG F 71 26.28 -9.30 -23.48
N GLU F 72 27.24 -10.21 -23.38
CA GLU F 72 27.44 -11.28 -24.36
C GLU F 72 26.24 -12.23 -24.29
N VAL F 73 25.70 -12.39 -23.09
CA VAL F 73 24.55 -13.26 -22.85
C VAL F 73 23.29 -12.62 -23.45
N ILE F 74 23.14 -11.31 -23.28
CA ILE F 74 21.99 -10.60 -23.83
C ILE F 74 22.02 -10.67 -25.35
N LYS F 75 23.21 -10.50 -25.91
CA LYS F 75 23.40 -10.53 -27.36
C LYS F 75 23.05 -11.89 -27.97
N ASN F 76 23.45 -12.96 -27.30
CA ASN F 76 23.19 -14.31 -27.78
C ASN F 76 21.71 -14.66 -27.64
N LEU F 77 21.01 -13.88 -26.82
CA LEU F 77 19.58 -14.07 -26.58
C LEU F 77 18.76 -13.39 -27.69
N ALA F 78 19.04 -12.11 -27.94
CA ALA F 78 18.33 -11.36 -28.96
C ALA F 78 18.57 -11.90 -30.36
N SER F 79 19.43 -12.93 -30.46
CA SER F 79 19.74 -13.54 -31.75
C SER F 79 18.46 -14.10 -32.37
N THR F 80 17.64 -14.71 -31.53
CA THR F 80 16.37 -15.31 -31.96
C THR F 80 15.18 -14.37 -31.80
N GLY F 81 15.38 -13.10 -32.13
CA GLY F 81 14.31 -12.13 -32.03
C GLY F 81 14.33 -11.23 -30.80
N PRO F 82 13.27 -10.44 -30.59
CA PRO F 82 13.14 -9.53 -29.45
C PRO F 82 13.21 -10.27 -28.12
N PHE F 83 13.01 -9.55 -27.02
CA PHE F 83 13.04 -10.15 -25.70
C PHE F 83 12.61 -9.18 -24.61
N GLY F 84 11.75 -9.64 -23.71
CA GLY F 84 11.29 -8.79 -22.63
C GLY F 84 12.15 -8.94 -21.40
N LEU F 85 11.81 -8.20 -20.35
CA LEU F 85 12.56 -8.25 -19.10
C LEU F 85 12.61 -9.68 -18.52
N ALA F 86 11.46 -10.33 -18.51
CA ALA F 86 11.36 -11.70 -17.99
C ALA F 86 12.42 -12.60 -18.62
N GLU F 87 12.44 -12.65 -19.95
CA GLU F 87 13.40 -13.48 -20.67
C GLU F 87 14.84 -13.15 -20.29
N ALA F 88 15.12 -11.87 -20.15
CA ALA F 88 16.46 -11.42 -19.79
C ALA F 88 16.88 -12.04 -18.47
N ARG F 89 16.00 -11.97 -17.48
CA ARG F 89 16.27 -12.51 -16.16
C ARG F 89 16.65 -13.99 -16.15
N ASP F 90 15.99 -14.77 -17.01
CA ASP F 90 16.27 -16.21 -17.08
C ASP F 90 17.68 -16.54 -17.54
N ALA F 91 18.12 -15.88 -18.61
CA ALA F 91 19.45 -16.12 -19.16
C ALA F 91 20.55 -15.74 -18.17
N LEU F 92 20.35 -14.65 -17.44
CA LEU F 92 21.33 -14.18 -16.48
C LEU F 92 21.12 -14.80 -15.10
N GLY F 93 19.97 -15.45 -14.93
CA GLY F 93 19.68 -16.08 -13.66
C GLY F 93 19.65 -15.12 -12.48
N SER F 94 19.26 -13.88 -12.73
CA SER F 94 19.18 -12.86 -11.68
C SER F 94 17.74 -12.70 -11.22
N SER F 95 17.30 -11.44 -11.11
CA SER F 95 15.96 -11.12 -10.69
C SER F 95 15.55 -9.80 -11.32
N ARG F 96 14.27 -9.64 -11.62
CA ARG F 96 13.76 -8.42 -12.23
C ARG F 96 14.37 -7.18 -11.56
N LYS F 97 14.71 -7.31 -10.29
CA LYS F 97 15.30 -6.21 -9.53
C LYS F 97 16.59 -5.71 -10.17
N TYR F 98 17.54 -6.62 -10.37
CA TYR F 98 18.84 -6.28 -10.96
C TYR F 98 18.82 -6.21 -12.48
N VAL F 99 17.98 -7.02 -13.10
CA VAL F 99 17.90 -7.07 -14.56
C VAL F 99 17.26 -5.84 -15.21
N LEU F 100 16.36 -5.18 -14.50
CA LEU F 100 15.71 -3.99 -15.06
C LEU F 100 16.67 -2.82 -15.22
N PRO F 101 17.47 -2.51 -14.17
CA PRO F 101 18.43 -1.40 -14.26
C PRO F 101 19.45 -1.66 -15.35
N LEU F 102 20.00 -2.87 -15.37
CA LEU F 102 20.99 -3.26 -16.35
C LEU F 102 20.47 -3.03 -17.76
N LEU F 103 19.29 -3.56 -18.03
CA LEU F 103 18.67 -3.43 -19.34
C LEU F 103 18.39 -1.98 -19.72
N GLU F 104 18.14 -1.14 -18.73
CA GLU F 104 17.86 0.26 -18.98
C GLU F 104 19.17 0.96 -19.33
N TYR F 105 20.25 0.52 -18.67
CA TYR F 105 21.59 1.06 -18.90
C TYR F 105 22.02 0.78 -20.34
N LEU F 106 21.61 -0.37 -20.86
CA LEU F 106 21.94 -0.77 -22.22
C LEU F 106 21.18 0.05 -23.25
N ASP F 107 19.98 0.50 -22.90
CA ASP F 107 19.18 1.31 -23.82
C ASP F 107 19.89 2.64 -23.92
N GLN F 108 20.50 3.04 -22.81
CA GLN F 108 21.24 4.30 -22.74
C GLN F 108 22.48 4.28 -23.62
N VAL F 109 23.46 3.47 -23.24
CA VAL F 109 24.71 3.38 -24.00
C VAL F 109 24.48 2.91 -25.44
N LYS F 110 23.21 2.73 -25.79
CA LYS F 110 22.82 2.31 -27.15
C LYS F 110 23.14 0.87 -27.52
N PHE F 111 23.27 0.00 -26.53
CA PHE F 111 23.56 -1.42 -26.80
C PHE F 111 22.27 -2.11 -27.27
N THR F 112 21.12 -1.58 -26.85
CA THR F 112 19.80 -2.11 -27.23
C THR F 112 18.79 -0.96 -27.27
N ARG F 113 17.50 -1.29 -27.29
CA ARG F 113 16.46 -0.28 -27.32
C ARG F 113 15.06 -0.86 -27.10
N LYS F 118 9.47 -4.92 -26.42
CA LYS F 118 10.51 -5.69 -25.74
C LYS F 118 11.86 -4.98 -25.84
N ARG F 119 12.85 -5.68 -26.39
CA ARG F 119 14.19 -5.13 -26.54
C ARG F 119 14.88 -5.77 -27.75
N VAL F 120 15.79 -5.02 -28.35
CA VAL F 120 16.55 -5.49 -29.51
C VAL F 120 17.97 -4.96 -29.45
N VAL F 121 18.93 -5.79 -29.87
CA VAL F 121 20.34 -5.39 -29.89
C VAL F 121 20.61 -4.62 -31.18
N VAL F 122 20.82 -3.32 -31.05
CA VAL F 122 21.11 -2.49 -32.21
C VAL F 122 22.60 -2.40 -32.47
N SER G 2 28.78 -28.56 -41.63
CA SER G 2 29.22 -28.76 -40.23
C SER G 2 28.71 -27.64 -39.33
N GLU G 3 27.69 -26.92 -39.81
CA GLU G 3 27.10 -25.82 -39.05
C GLU G 3 26.50 -26.32 -37.74
N THR G 4 25.69 -27.37 -37.80
CA THR G 4 25.07 -27.95 -36.62
C THR G 4 26.09 -28.78 -35.84
N GLN G 5 27.35 -28.40 -35.99
CA GLN G 5 28.46 -29.08 -35.32
C GLN G 5 29.35 -28.06 -34.62
N LYS G 6 29.73 -27.01 -35.33
CA LYS G 6 30.58 -25.97 -34.76
C LYS G 6 29.76 -25.10 -33.82
N LYS G 7 28.44 -25.12 -34.00
CA LYS G 7 27.54 -24.34 -33.17
C LYS G 7 27.32 -25.03 -31.82
N LEU G 8 27.84 -26.24 -31.70
CA LEU G 8 27.71 -27.00 -30.46
C LEU G 8 28.95 -26.75 -29.59
N LEU G 9 30.04 -26.32 -30.23
CA LEU G 9 31.29 -26.03 -29.53
C LEU G 9 31.20 -24.69 -28.82
N LYS G 10 30.70 -23.68 -29.51
CA LYS G 10 30.56 -22.36 -28.90
C LYS G 10 29.40 -22.44 -27.92
N ASP G 11 28.52 -23.41 -28.17
CA ASP G 11 27.35 -23.65 -27.33
C ASP G 11 27.81 -24.09 -25.94
N LEU G 12 28.75 -25.04 -25.90
CA LEU G 12 29.28 -25.56 -24.64
C LEU G 12 30.18 -24.52 -23.96
N GLU G 13 30.95 -23.78 -24.76
CA GLU G 13 31.84 -22.77 -24.21
C GLU G 13 31.05 -21.75 -23.39
N ASP G 14 30.00 -21.20 -23.99
CA ASP G 14 29.18 -20.23 -23.29
C ASP G 14 28.51 -20.86 -22.08
N LYS G 15 28.24 -22.15 -22.16
CA LYS G 15 27.61 -22.83 -21.03
C LYS G 15 28.52 -22.78 -19.82
N TYR G 16 29.80 -23.07 -20.02
CA TYR G 16 30.77 -23.03 -18.93
C TYR G 16 31.09 -21.57 -18.59
N ARG G 17 30.89 -20.71 -19.58
CA ARG G 17 31.15 -19.29 -19.43
C ARG G 17 30.17 -18.67 -18.44
N VAL G 18 28.89 -18.96 -18.61
CA VAL G 18 27.85 -18.43 -17.74
C VAL G 18 27.84 -19.11 -16.36
N SER G 19 28.29 -20.35 -16.30
CA SER G 19 28.32 -21.09 -15.05
C SER G 19 29.39 -20.59 -14.08
N ARG G 20 30.42 -19.95 -14.64
CA ARG G 20 31.51 -19.39 -13.85
C ARG G 20 32.12 -20.31 -12.79
N TRP G 21 31.89 -19.99 -11.51
CA TRP G 21 32.46 -20.78 -10.41
C TRP G 21 31.63 -21.96 -9.94
N GLN G 22 30.47 -22.11 -10.49
CA GLN G 22 29.62 -23.27 -10.25
C GLN G 22 29.38 -24.05 -11.54
N PRO G 23 30.52 -24.44 -12.16
CA PRO G 23 30.47 -25.14 -13.44
C PRO G 23 29.68 -26.44 -13.42
N PRO G 24 28.93 -26.71 -14.51
CA PRO G 24 28.14 -27.94 -14.58
C PRO G 24 29.10 -29.11 -14.71
N SER G 25 28.78 -30.22 -14.07
CA SER G 25 29.63 -31.41 -14.13
C SER G 25 29.48 -32.08 -15.48
N PHE G 26 30.41 -32.99 -15.78
CA PHE G 26 30.39 -33.73 -17.04
C PHE G 26 29.03 -34.42 -17.14
N LYS G 27 28.77 -35.29 -16.18
CA LYS G 27 27.52 -36.05 -16.09
C LYS G 27 26.30 -35.15 -16.26
N GLU G 28 26.40 -33.95 -15.70
CA GLU G 28 25.31 -32.98 -15.74
C GLU G 28 25.14 -32.39 -17.13
N VAL G 29 26.22 -32.00 -17.78
CA VAL G 29 26.15 -31.40 -19.11
C VAL G 29 25.71 -32.39 -20.17
N ALA G 30 25.99 -33.67 -19.94
CA ALA G 30 25.60 -34.73 -20.87
C ALA G 30 24.11 -34.72 -21.16
N GLY G 31 23.30 -34.42 -20.15
CA GLY G 31 21.87 -34.38 -20.32
C GLY G 31 21.32 -33.04 -20.79
N SER G 32 22.00 -31.96 -20.42
CA SER G 32 21.59 -30.62 -20.81
C SER G 32 21.65 -30.40 -22.31
N PHE G 33 22.55 -31.12 -22.98
CA PHE G 33 22.71 -31.02 -24.43
C PHE G 33 22.26 -32.32 -25.09
N ASN G 34 22.21 -33.40 -24.30
CA ASN G 34 21.80 -34.70 -24.74
C ASN G 34 22.85 -35.31 -25.68
N LEU G 35 23.90 -35.90 -25.09
CA LEU G 35 24.98 -36.52 -25.86
C LEU G 35 25.65 -37.65 -25.08
N ASP G 36 26.11 -38.68 -25.82
CA ASP G 36 26.76 -39.85 -25.24
C ASP G 36 27.85 -39.51 -24.21
N PRO G 37 28.30 -40.52 -23.44
CA PRO G 37 29.33 -40.38 -22.41
C PRO G 37 30.66 -39.82 -22.94
N SER G 38 31.65 -40.70 -23.13
CA SER G 38 32.96 -40.28 -23.63
C SER G 38 32.88 -39.76 -25.07
N GLU G 39 31.66 -39.45 -25.51
CA GLU G 39 31.43 -38.91 -26.85
C GLU G 39 31.44 -37.39 -26.75
N LEU G 40 31.02 -36.89 -25.59
CA LEU G 40 31.01 -35.46 -25.32
C LEU G 40 32.47 -35.06 -25.16
N GLU G 41 33.29 -36.05 -24.85
CA GLU G 41 34.72 -35.87 -24.66
C GLU G 41 35.39 -35.28 -25.90
N GLU G 42 34.98 -35.77 -27.07
CA GLU G 42 35.55 -35.29 -28.33
C GLU G 42 35.33 -33.79 -28.48
N LEU G 43 34.36 -33.27 -27.74
CA LEU G 43 34.04 -31.84 -27.76
C LEU G 43 34.80 -31.13 -26.65
N LEU G 44 34.60 -31.58 -25.41
CA LEU G 44 35.26 -31.00 -24.24
C LEU G 44 36.77 -30.95 -24.38
N HIS G 45 37.38 -32.09 -24.66
CA HIS G 45 38.83 -32.12 -24.79
C HIS G 45 39.36 -31.25 -25.92
N TYR G 46 38.69 -31.26 -27.07
CA TYR G 46 39.12 -30.39 -28.17
C TYR G 46 39.21 -28.96 -27.63
N LEU G 47 38.15 -28.51 -26.96
CA LEU G 47 38.13 -27.18 -26.39
C LEU G 47 39.21 -27.09 -25.32
N VAL G 48 39.48 -28.22 -24.67
CA VAL G 48 40.52 -28.28 -23.65
C VAL G 48 41.87 -27.99 -24.27
N ARG G 49 42.27 -28.77 -25.29
CA ARG G 49 43.54 -28.56 -25.96
C ARG G 49 43.66 -27.13 -26.45
N GLU G 50 42.58 -26.58 -27.01
CA GLU G 50 42.57 -25.21 -27.51
C GLU G 50 42.69 -24.19 -26.38
N GLY G 51 42.42 -24.62 -25.15
CA GLY G 51 42.53 -23.72 -24.02
C GLY G 51 41.26 -23.02 -23.57
N VAL G 52 40.18 -23.19 -24.30
CA VAL G 52 38.91 -22.55 -23.95
C VAL G 52 38.41 -23.05 -22.59
N LEU G 53 38.55 -24.35 -22.36
CA LEU G 53 38.13 -24.93 -21.10
C LEU G 53 39.38 -25.45 -20.39
N VAL G 54 39.30 -25.52 -19.07
CA VAL G 54 40.41 -26.03 -18.27
C VAL G 54 39.86 -27.10 -17.35
N LYS G 55 40.49 -28.27 -17.35
CA LYS G 55 40.06 -29.39 -16.54
C LYS G 55 40.62 -29.27 -15.12
N ILE G 56 39.72 -29.18 -14.14
CA ILE G 56 40.14 -29.09 -12.75
C ILE G 56 40.12 -30.50 -12.16
N ASN G 57 39.13 -31.29 -12.58
CA ASN G 57 39.00 -32.66 -12.11
C ASN G 57 38.25 -33.51 -13.15
N ASP G 58 37.97 -34.75 -12.78
CA ASP G 58 37.26 -35.67 -13.66
C ASP G 58 35.82 -35.22 -13.92
N GLU G 59 35.19 -34.67 -12.89
CA GLU G 59 33.80 -34.23 -12.98
C GLU G 59 33.52 -33.00 -13.86
N PHE G 60 34.13 -31.86 -13.53
CA PHE G 60 33.87 -30.66 -14.32
C PHE G 60 35.05 -29.77 -14.70
N TYR G 61 34.81 -28.94 -15.71
CA TYR G 61 35.79 -27.99 -16.23
C TYR G 61 35.32 -26.58 -15.96
N TRP G 62 36.27 -25.63 -15.97
CA TRP G 62 35.97 -24.22 -15.76
C TRP G 62 36.37 -23.49 -17.04
N HIS G 63 35.57 -22.52 -17.47
CA HIS G 63 35.92 -21.76 -18.67
C HIS G 63 37.22 -21.01 -18.41
N ARG G 64 37.99 -20.80 -19.47
CA ARG G 64 39.26 -20.09 -19.39
C ARG G 64 39.21 -18.87 -18.45
N GLN G 65 38.24 -17.99 -18.69
CA GLN G 65 38.08 -16.77 -17.89
C GLN G 65 37.74 -16.98 -16.41
N ALA G 66 36.71 -17.79 -16.14
CA ALA G 66 36.28 -18.05 -14.77
C ALA G 66 37.47 -18.42 -13.88
N LEU G 67 38.40 -19.18 -14.44
CA LEU G 67 39.57 -19.58 -13.68
C LEU G 67 40.42 -18.34 -13.40
N GLY G 68 40.59 -17.51 -14.43
CA GLY G 68 41.36 -16.29 -14.26
C GLY G 68 40.81 -15.46 -13.12
N GLU G 69 39.51 -15.17 -13.17
CA GLU G 69 38.86 -14.38 -12.12
C GLU G 69 38.93 -15.02 -10.74
N ALA G 70 38.75 -16.34 -10.67
CA ALA G 70 38.83 -17.04 -9.39
C ALA G 70 40.23 -16.86 -8.84
N ARG G 71 41.22 -16.94 -9.74
CA ARG G 71 42.62 -16.79 -9.38
C ARG G 71 42.89 -15.37 -8.90
N GLU G 72 42.10 -14.42 -9.40
CA GLU G 72 42.26 -13.03 -9.03
C GLU G 72 41.74 -12.80 -7.60
N VAL G 73 40.59 -13.41 -7.29
CA VAL G 73 40.01 -13.27 -5.98
C VAL G 73 40.87 -14.00 -4.96
N ILE G 74 41.46 -15.11 -5.38
CA ILE G 74 42.33 -15.89 -4.52
C ILE G 74 43.63 -15.12 -4.28
N LYS G 75 44.02 -14.33 -5.27
CA LYS G 75 45.25 -13.56 -5.17
C LYS G 75 45.07 -12.42 -4.15
N ASN G 76 43.84 -11.93 -4.05
CA ASN G 76 43.53 -10.86 -3.10
C ASN G 76 43.54 -11.44 -1.68
N LEU G 77 42.82 -12.54 -1.50
CA LEU G 77 42.71 -13.22 -0.20
C LEU G 77 44.04 -13.35 0.54
N ALA G 78 45.15 -13.25 -0.19
CA ALA G 78 46.47 -13.35 0.41
C ALA G 78 47.27 -12.05 0.25
N GLY G 81 48.06 -12.64 4.10
CA GLY G 81 48.87 -13.84 4.21
C GLY G 81 48.10 -15.13 3.95
N PRO G 82 48.37 -16.20 4.70
CA PRO G 82 47.72 -17.51 4.58
C PRO G 82 46.19 -17.47 4.66
N PHE G 83 45.56 -18.54 4.21
CA PHE G 83 44.11 -18.64 4.23
C PHE G 83 43.68 -20.11 4.30
N GLY G 84 42.51 -20.35 4.88
CA GLY G 84 42.02 -21.71 4.99
C GLY G 84 41.06 -22.02 3.86
N LEU G 85 40.51 -23.22 3.86
CA LEU G 85 39.56 -23.63 2.82
C LEU G 85 38.25 -22.86 3.02
N ALA G 86 37.91 -22.59 4.28
CA ALA G 86 36.69 -21.88 4.60
C ALA G 86 36.81 -20.40 4.21
N GLU G 87 37.98 -19.82 4.48
CA GLU G 87 38.23 -18.42 4.14
C GLU G 87 38.18 -18.25 2.62
N ALA G 88 38.74 -19.23 1.91
CA ALA G 88 38.77 -19.21 0.45
C ALA G 88 37.37 -19.41 -0.11
N ARG G 89 36.61 -20.31 0.51
CA ARG G 89 35.25 -20.60 0.07
C ARG G 89 34.38 -19.35 0.23
N ASP G 90 34.70 -18.53 1.22
CA ASP G 90 33.98 -17.29 1.48
C ASP G 90 34.49 -16.22 0.54
N ALA G 91 35.79 -16.29 0.24
CA ALA G 91 36.42 -15.34 -0.67
C ALA G 91 35.70 -15.38 -2.02
N LEU G 92 35.33 -16.57 -2.44
CA LEU G 92 34.62 -16.74 -3.71
C LEU G 92 33.14 -16.97 -3.45
N GLY G 93 32.78 -17.11 -2.18
CA GLY G 93 31.40 -17.35 -1.84
C GLY G 93 30.91 -18.57 -2.57
N SER G 94 31.67 -19.66 -2.46
CA SER G 94 31.34 -20.92 -3.11
C SER G 94 31.28 -22.06 -2.08
N SER G 95 31.20 -23.29 -2.58
CA SER G 95 31.14 -24.45 -1.68
C SER G 95 32.28 -25.43 -1.96
N ARG G 96 32.57 -26.28 -0.99
CA ARG G 96 33.65 -27.26 -1.14
C ARG G 96 33.46 -28.02 -2.44
N LYS G 97 32.19 -28.26 -2.78
CA LYS G 97 31.86 -28.97 -4.00
C LYS G 97 32.73 -28.49 -5.16
N TYR G 98 32.94 -27.17 -5.25
CA TYR G 98 33.75 -26.60 -6.32
C TYR G 98 35.11 -26.05 -5.87
N VAL G 99 35.10 -25.33 -4.75
CA VAL G 99 36.32 -24.72 -4.21
C VAL G 99 37.40 -25.73 -3.86
N LEU G 100 37.00 -26.83 -3.24
CA LEU G 100 37.95 -27.87 -2.87
C LEU G 100 38.67 -28.32 -4.15
N PRO G 101 37.93 -28.63 -5.21
CA PRO G 101 38.56 -29.06 -6.47
C PRO G 101 39.48 -27.97 -7.05
N LEU G 102 38.98 -26.74 -7.10
CA LEU G 102 39.76 -25.62 -7.63
C LEU G 102 41.07 -25.41 -6.87
N LEU G 103 41.02 -25.53 -5.55
CA LEU G 103 42.22 -25.35 -4.74
C LEU G 103 43.23 -26.47 -5.01
N GLU G 104 42.73 -27.68 -5.23
CA GLU G 104 43.59 -28.82 -5.53
C GLU G 104 44.30 -28.54 -6.85
N TYR G 105 43.54 -27.97 -7.80
CA TYR G 105 44.07 -27.63 -9.10
C TYR G 105 45.14 -26.56 -8.98
N LEU G 106 44.81 -25.46 -8.30
CA LEU G 106 45.73 -24.36 -8.11
C LEU G 106 47.00 -24.78 -7.38
N ASP G 107 46.94 -25.92 -6.69
CA ASP G 107 48.11 -26.44 -5.98
C ASP G 107 49.01 -27.10 -7.02
N GLN G 108 48.38 -27.93 -7.85
CA GLN G 108 49.04 -28.69 -8.91
C GLN G 108 49.75 -27.81 -9.93
N VAL G 109 49.15 -26.67 -10.27
CA VAL G 109 49.76 -25.76 -11.23
C VAL G 109 50.69 -24.75 -10.56
N LYS G 110 50.93 -24.97 -9.27
CA LYS G 110 51.83 -24.11 -8.51
C LYS G 110 51.39 -22.65 -8.40
N PHE G 111 50.09 -22.42 -8.30
CA PHE G 111 49.58 -21.06 -8.15
C PHE G 111 49.50 -20.82 -6.65
N THR G 112 48.97 -21.82 -5.95
CA THR G 112 48.82 -21.78 -4.51
C THR G 112 49.49 -23.04 -3.94
N ARG G 113 50.36 -22.85 -2.95
CA ARG G 113 51.05 -23.98 -2.34
C ARG G 113 50.51 -24.21 -0.93
N ARG G 114 50.41 -25.48 -0.53
CA ARG G 114 49.89 -25.80 0.78
C ARG G 114 51.00 -25.79 1.85
N VAL G 115 51.25 -24.61 2.42
CA VAL G 115 52.25 -24.45 3.46
C VAL G 115 51.53 -24.57 4.80
N GLY G 116 51.32 -25.80 5.25
CA GLY G 116 50.63 -26.05 6.50
C GLY G 116 49.21 -26.51 6.27
N ASP G 117 48.32 -26.24 7.22
CA ASP G 117 46.92 -26.62 7.06
C ASP G 117 46.25 -25.54 6.22
N LYS G 118 47.07 -24.64 5.70
CA LYS G 118 46.57 -23.54 4.87
C LYS G 118 47.40 -23.40 3.60
N ARG G 119 46.86 -22.67 2.64
CA ARG G 119 47.53 -22.44 1.37
C ARG G 119 48.11 -21.04 1.34
N VAL G 120 49.06 -20.82 0.45
CA VAL G 120 49.69 -19.51 0.31
C VAL G 120 49.94 -19.24 -1.18
N VAL G 121 49.27 -18.21 -1.71
CA VAL G 121 49.43 -17.84 -3.11
C VAL G 121 50.89 -17.55 -3.39
N VAL G 122 51.59 -18.53 -3.95
CA VAL G 122 53.00 -18.36 -4.27
C VAL G 122 53.15 -17.22 -5.26
N GLY G 123 53.89 -16.19 -4.83
CA GLY G 123 54.11 -15.04 -5.69
C GLY G 123 54.98 -15.40 -6.87
N ASN G 124 55.04 -16.69 -7.18
CA ASN G 124 55.84 -17.21 -8.28
C ASN G 124 57.25 -16.65 -8.30
#